data_8JRC
#
_entry.id   8JRC
#
_cell.length_a   53.631
_cell.length_b   70.093
_cell.length_c   55.039
_cell.angle_alpha   90.00
_cell.angle_beta   113.06
_cell.angle_gamma   90.00
#
_symmetry.space_group_name_H-M   'P 1 21 1'
#
loop_
_entity.id
_entity.type
_entity.pdbx_description
1 polymer 'Nif-specific regulatory protein'
2 water water
#
_entity_poly.entity_id   1
_entity_poly.type   'polypeptide(L)'
_entity_poly.pdbx_seq_one_letter_code
;AMAQREIRLVDNEYPSPSMTHPPIPLSDIALTGIFEISKILTSPARLEITLANVVNLLQSFLQMRNGVVSLLADDGVPDI
TVGVGWNEGSDNRYRARLPQKAIDQIVATAVPLVADNVSAHPMFTAADAMALGATDEIRVSFIGVPIRIDSRVVGTLSID
RVRDGRSHFRMDADVRFLTMVANLIGQTVKLHRVVARDRERLMAESHRL
;
_entity_poly.pdbx_strand_id   A,B
#
# COMPACT_ATOMS: atom_id res chain seq x y z
N PRO A 25 -7.32 2.16 19.46
CA PRO A 25 -5.94 2.57 19.14
C PRO A 25 -5.85 3.26 17.77
N LEU A 26 -5.20 4.42 17.75
CA LEU A 26 -4.99 5.15 16.50
C LEU A 26 -4.26 4.29 15.47
N SER A 27 -3.30 3.47 15.94
CA SER A 27 -2.55 2.63 15.02
C SER A 27 -3.41 1.50 14.47
N ASP A 28 -4.31 0.95 15.30
CA ASP A 28 -5.25 -0.05 14.81
C ASP A 28 -6.12 0.53 13.71
N ILE A 29 -6.67 1.72 13.94
CA ILE A 29 -7.53 2.37 12.96
C ILE A 29 -6.75 2.73 11.71
N ALA A 30 -5.49 3.13 11.86
CA ALA A 30 -4.68 3.45 10.70
C ALA A 30 -4.27 2.20 9.94
N LEU A 31 -4.04 1.09 10.64
CA LEU A 31 -3.75 -0.17 9.96
C LEU A 31 -4.94 -0.63 9.12
N THR A 32 -6.14 -0.55 9.68
CA THR A 32 -7.34 -0.88 8.91
C THR A 32 -7.50 0.08 7.72
N GLY A 33 -7.15 1.35 7.91
CA GLY A 33 -7.30 2.31 6.83
C GLY A 33 -6.41 2.02 5.64
N ILE A 34 -5.15 1.66 5.89
CA ILE A 34 -4.24 1.33 4.79
C ILE A 34 -4.58 -0.04 4.21
N PHE A 35 -5.11 -0.95 5.05
CA PHE A 35 -5.62 -2.21 4.53
C PHE A 35 -6.74 -1.96 3.52
N GLU A 36 -7.69 -1.11 3.89
CA GLU A 36 -8.80 -0.80 2.98
C GLU A 36 -8.32 -0.01 1.77
N ILE A 37 -7.35 0.89 1.96
CA ILE A 37 -6.81 1.66 0.85
C ILE A 37 -6.15 0.73 -0.17
N SER A 38 -5.47 -0.30 0.32
CA SER A 38 -4.81 -1.24 -0.59
C SER A 38 -5.82 -1.96 -1.47
N LYS A 39 -6.98 -2.30 -0.91
CA LYS A 39 -8.05 -2.90 -1.72
C LYS A 39 -8.52 -1.93 -2.79
N ILE A 40 -8.73 -0.66 -2.41
CA ILE A 40 -9.24 0.34 -3.35
C ILE A 40 -8.31 0.47 -4.55
N LEU A 41 -6.99 0.51 -4.30
CA LEU A 41 -6.04 0.75 -5.38
C LEU A 41 -5.93 -0.44 -6.34
N THR A 42 -6.35 -1.62 -5.92
CA THR A 42 -6.31 -2.80 -6.79
C THR A 42 -7.62 -3.04 -7.52
N SER A 43 -8.67 -2.31 -7.17
CA SER A 43 -9.96 -2.49 -7.83
C SER A 43 -9.97 -1.78 -9.17
N PRO A 44 -10.19 -2.47 -10.28
CA PRO A 44 -10.26 -1.79 -11.59
C PRO A 44 -11.39 -0.79 -11.63
N ALA A 45 -11.04 0.48 -11.79
CA ALA A 45 -12.01 1.57 -11.92
C ALA A 45 -11.28 2.78 -12.47
N ARG A 46 -12.06 3.77 -12.89
CA ARG A 46 -11.49 5.01 -13.42
C ARG A 46 -10.64 5.68 -12.37
N LEU A 47 -9.41 6.06 -12.77
CA LEU A 47 -8.42 6.64 -11.85
C LEU A 47 -9.03 7.63 -10.87
N GLU A 48 -9.88 8.53 -11.37
CA GLU A 48 -10.52 9.50 -10.50
C GLU A 48 -11.42 8.83 -9.46
N ILE A 49 -12.04 7.69 -9.81
CA ILE A 49 -12.88 6.98 -8.86
C ILE A 49 -12.02 6.36 -7.76
N THR A 50 -10.86 5.79 -8.14
CA THR A 50 -9.94 5.27 -7.13
C THR A 50 -9.47 6.37 -6.19
N LEU A 51 -8.94 7.46 -6.76
CA LEU A 51 -8.45 8.56 -5.93
C LEU A 51 -9.56 9.15 -5.07
N ALA A 52 -10.79 9.21 -5.60
CA ALA A 52 -11.91 9.71 -4.81
C ALA A 52 -12.18 8.80 -3.62
N ASN A 53 -12.23 7.49 -3.85
CA ASN A 53 -12.49 6.55 -2.77
C ASN A 53 -11.39 6.61 -1.71
N VAL A 54 -10.16 6.89 -2.13
CA VAL A 54 -9.05 6.97 -1.17
C VAL A 54 -9.23 8.16 -0.23
N VAL A 55 -9.43 9.35 -0.80
CA VAL A 55 -9.56 10.54 0.03
C VAL A 55 -10.86 10.51 0.83
N ASN A 56 -11.92 9.92 0.25
CA ASN A 56 -13.13 9.67 1.04
C ASN A 56 -12.81 8.85 2.26
N LEU A 57 -11.94 7.84 2.12
CA LEU A 57 -11.56 6.99 3.23
C LEU A 57 -10.73 7.76 4.26
N LEU A 58 -9.80 8.59 3.79
CA LEU A 58 -9.00 9.39 4.72
C LEU A 58 -9.87 10.27 5.60
N GLN A 59 -11.03 10.70 5.09
CA GLN A 59 -11.92 11.57 5.86
C GLN A 59 -12.80 10.76 6.80
N SER A 60 -13.59 9.83 6.26
CA SER A 60 -14.54 9.08 7.08
C SER A 60 -13.83 8.22 8.11
N PHE A 61 -12.67 7.68 7.77
CA PHE A 61 -11.93 6.77 8.66
C PHE A 61 -11.03 7.54 9.64
N LEU A 62 -10.13 8.36 9.10
CA LEU A 62 -9.07 8.99 9.89
C LEU A 62 -9.31 10.47 10.12
N GLN A 63 -10.50 10.99 9.80
CA GLN A 63 -10.89 12.36 10.08
C GLN A 63 -9.98 13.39 9.39
N MET A 64 -9.37 13.00 8.28
CA MET A 64 -8.57 13.90 7.46
C MET A 64 -9.49 14.59 6.45
N ARG A 65 -9.75 15.87 6.67
CA ARG A 65 -10.75 16.58 5.88
C ARG A 65 -10.13 17.26 4.67
N ASN A 66 -10.95 17.41 3.62
CA ASN A 66 -10.59 18.10 2.38
C ASN A 66 -9.34 17.51 1.74
N GLY A 67 -9.23 16.18 1.80
CA GLY A 67 -8.15 15.49 1.12
C GLY A 67 -8.25 15.66 -0.38
N VAL A 68 -7.16 16.13 -1.01
CA VAL A 68 -7.14 16.41 -2.43
C VAL A 68 -5.92 15.75 -3.06
N VAL A 69 -6.14 14.98 -4.11
CA VAL A 69 -5.06 14.44 -4.93
C VAL A 69 -4.95 15.35 -6.15
N SER A 70 -3.89 16.15 -6.20
CA SER A 70 -3.64 17.05 -7.31
C SER A 70 -2.50 16.47 -8.15
N LEU A 71 -2.79 16.21 -9.42
CA LEU A 71 -1.80 15.67 -10.34
C LEU A 71 -1.51 16.69 -11.43
N LEU A 72 -0.25 16.71 -11.88
CA LEU A 72 0.23 17.71 -12.81
C LEU A 72 0.89 17.03 -14.01
N ALA A 73 0.74 17.66 -15.18
CA ALA A 73 1.52 17.28 -16.33
C ALA A 73 2.98 17.66 -16.13
N ASP A 74 3.83 17.25 -17.06
CA ASP A 74 5.27 17.45 -16.88
C ASP A 74 5.64 18.92 -16.88
N ASP A 75 4.87 19.77 -17.54
CA ASP A 75 5.13 21.21 -17.56
C ASP A 75 4.47 21.93 -16.39
N GLY A 76 4.02 21.20 -15.36
CA GLY A 76 3.41 21.80 -14.19
C GLY A 76 1.98 22.24 -14.37
N VAL A 77 1.37 22.00 -15.52
CA VAL A 77 -0.02 22.36 -15.78
C VAL A 77 -0.90 21.29 -15.16
N PRO A 78 -2.02 21.66 -14.53
CA PRO A 78 -2.88 20.65 -13.89
C PRO A 78 -3.32 19.56 -14.86
N ASP A 79 -3.22 18.32 -14.41
CA ASP A 79 -3.67 17.15 -15.16
C ASP A 79 -5.06 16.72 -14.73
N ILE A 80 -5.22 16.35 -13.45
CA ILE A 80 -6.52 16.06 -12.86
C ILE A 80 -6.45 16.43 -11.39
N THR A 81 -7.59 16.83 -10.83
CA THR A 81 -7.68 17.21 -9.42
C THR A 81 -8.97 16.62 -8.87
N VAL A 82 -8.84 15.83 -7.80
CA VAL A 82 -9.98 15.10 -7.25
C VAL A 82 -9.92 15.17 -5.73
N GLY A 83 -11.05 15.51 -5.10
CA GLY A 83 -11.16 15.47 -3.66
C GLY A 83 -12.38 14.68 -3.22
N VAL A 84 -12.83 14.89 -1.98
CA VAL A 84 -13.96 14.14 -1.47
C VAL A 84 -15.22 14.48 -2.27
N GLY A 85 -15.90 13.45 -2.76
CA GLY A 85 -17.15 13.63 -3.46
C GLY A 85 -17.04 13.89 -4.94
N TRP A 86 -15.90 13.56 -5.55
CA TRP A 86 -15.64 13.92 -6.94
C TRP A 86 -16.67 13.33 -7.89
N ASN A 87 -17.21 14.17 -8.75
CA ASN A 87 -17.95 13.76 -9.93
C ASN A 87 -17.23 14.28 -11.16
N GLU A 88 -17.67 13.83 -12.34
CA GLU A 88 -17.00 14.18 -13.58
C GLU A 88 -16.99 15.70 -13.78
N GLY A 89 -15.81 16.23 -14.09
CA GLY A 89 -15.66 17.64 -14.40
C GLY A 89 -15.68 18.58 -13.22
N SER A 90 -15.55 18.08 -12.00
CA SER A 90 -15.51 18.93 -10.81
C SER A 90 -14.10 19.31 -10.40
N ASP A 91 -13.09 18.96 -11.22
CA ASP A 91 -11.69 19.19 -10.87
C ASP A 91 -11.43 20.60 -10.38
N ASN A 92 -12.01 21.60 -11.06
CA ASN A 92 -11.75 22.99 -10.70
C ASN A 92 -12.22 23.32 -9.29
N ARG A 93 -13.34 22.72 -8.86
CA ARG A 93 -13.86 22.96 -7.53
C ARG A 93 -12.82 22.61 -6.46
N TYR A 94 -12.05 21.54 -6.68
CA TYR A 94 -11.03 21.13 -5.72
C TYR A 94 -9.75 21.94 -5.88
N ARG A 95 -9.37 22.26 -7.11
CA ARG A 95 -8.17 23.08 -7.33
C ARG A 95 -8.35 24.48 -6.76
N ALA A 96 -9.58 25.00 -6.75
CA ALA A 96 -9.86 26.29 -6.14
C ALA A 96 -9.73 26.27 -4.62
N ARG A 97 -9.43 25.10 -4.03
CA ARG A 97 -9.25 24.97 -2.59
C ARG A 97 -7.80 24.77 -2.20
N LEU A 98 -6.88 24.72 -3.16
CA LEU A 98 -5.48 24.43 -2.86
C LEU A 98 -4.71 25.73 -2.64
N PRO A 99 -3.96 25.85 -1.55
CA PRO A 99 -3.08 27.02 -1.37
C PRO A 99 -1.86 26.89 -2.26
N GLN A 100 -1.82 27.70 -3.33
CA GLN A 100 -0.87 27.44 -4.41
C GLN A 100 0.57 27.66 -3.98
N LYS A 101 0.83 28.64 -3.09
CA LYS A 101 2.19 28.85 -2.62
C LYS A 101 2.73 27.59 -1.94
N ALA A 102 1.95 27.03 -1.01
CA ALA A 102 2.38 25.82 -0.31
C ALA A 102 2.53 24.65 -1.26
N ILE A 103 1.57 24.46 -2.17
CA ILE A 103 1.65 23.35 -3.11
C ILE A 103 2.83 23.53 -4.04
N ASP A 104 3.06 24.77 -4.51
CA ASP A 104 4.24 25.04 -5.34
C ASP A 104 5.52 24.69 -4.61
N GLN A 105 5.59 25.00 -3.31
CA GLN A 105 6.78 24.66 -2.54
C GLN A 105 6.99 23.15 -2.51
N ILE A 106 5.92 22.39 -2.20
CA ILE A 106 6.03 20.94 -2.13
C ILE A 106 6.48 20.37 -3.47
N VAL A 107 5.86 20.82 -4.56
CA VAL A 107 6.20 20.32 -5.89
C VAL A 107 7.65 20.65 -6.23
N ALA A 108 8.06 21.91 -5.97
CA ALA A 108 9.41 22.33 -6.33
C ALA A 108 10.48 21.75 -5.43
N THR A 109 10.12 21.28 -4.23
CA THR A 109 11.11 20.84 -3.26
C THR A 109 11.06 19.35 -2.94
N ALA A 110 9.99 18.65 -3.33
CA ALA A 110 9.83 17.21 -3.07
C ALA A 110 9.89 16.88 -1.59
N VAL A 111 9.47 17.83 -0.74
CA VAL A 111 9.50 17.65 0.71
C VAL A 111 8.13 18.03 1.26
N PRO A 112 7.57 17.27 2.20
CA PRO A 112 6.27 17.62 2.75
C PRO A 112 6.28 18.99 3.42
N LEU A 113 5.10 19.58 3.52
CA LEU A 113 4.91 20.89 4.12
C LEU A 113 3.83 20.82 5.19
N VAL A 114 4.07 21.47 6.31
CA VAL A 114 3.14 21.47 7.44
C VAL A 114 2.95 22.89 7.93
N ALA A 115 1.70 23.25 8.25
CA ALA A 115 1.38 24.52 8.89
C ALA A 115 0.39 24.25 10.01
N ASP A 116 0.79 24.56 11.24
CA ASP A 116 -0.10 24.32 12.38
C ASP A 116 -1.33 25.20 12.31
N ASN A 117 -1.18 26.46 11.87
CA ASN A 117 -2.26 27.44 11.86
C ASN A 117 -2.16 28.21 10.55
N VAL A 118 -2.97 27.80 9.55
CA VAL A 118 -2.91 28.43 8.24
C VAL A 118 -3.40 29.88 8.27
N SER A 119 -4.07 30.30 9.34
CA SER A 119 -4.47 31.70 9.45
C SER A 119 -3.27 32.60 9.76
N ALA A 120 -2.21 32.05 10.36
CA ALA A 120 -1.07 32.83 10.79
C ALA A 120 0.23 32.34 10.15
N HIS A 121 0.16 31.82 8.93
CA HIS A 121 1.33 31.22 8.31
C HIS A 121 1.79 32.02 7.10
N PRO A 122 3.11 32.20 6.93
CA PRO A 122 3.60 33.02 5.81
C PRO A 122 3.16 32.54 4.44
N MET A 123 3.09 31.23 4.23
CA MET A 123 2.82 30.67 2.92
C MET A 123 1.33 30.56 2.60
N PHE A 124 0.47 31.09 3.47
CA PHE A 124 -0.97 31.03 3.27
C PHE A 124 -1.52 32.44 3.26
N THR A 125 -2.11 32.85 2.14
CA THR A 125 -2.77 34.13 2.04
C THR A 125 -4.09 34.09 2.81
N ALA A 126 -4.70 35.28 2.95
CA ALA A 126 -6.04 35.36 3.52
C ALA A 126 -7.02 34.49 2.75
N ALA A 127 -6.90 34.47 1.43
CA ALA A 127 -7.78 33.63 0.61
C ALA A 127 -7.51 32.15 0.84
N ASP A 128 -6.24 31.76 0.93
CA ASP A 128 -5.90 30.37 1.24
C ASP A 128 -6.64 29.88 2.49
N ALA A 129 -6.59 30.68 3.57
CA ALA A 129 -7.19 30.27 4.83
C ALA A 129 -8.71 30.18 4.71
N MET A 130 -9.34 31.15 4.06
CA MET A 130 -10.78 31.11 3.86
C MET A 130 -11.18 29.84 3.12
N ALA A 131 -10.47 29.52 2.03
CA ALA A 131 -10.81 28.33 1.24
C ALA A 131 -10.67 27.05 2.05
N LEU A 132 -9.76 27.03 3.02
CA LEU A 132 -9.53 25.85 3.83
C LEU A 132 -10.39 25.82 5.09
N GLY A 133 -11.35 26.74 5.21
CA GLY A 133 -12.22 26.80 6.37
C GLY A 133 -11.64 27.54 7.56
N ALA A 134 -10.48 28.15 7.43
CA ALA A 134 -9.81 28.79 8.55
C ALA A 134 -10.30 30.21 8.76
N THR A 135 -10.51 30.56 10.02
CA THR A 135 -10.84 31.93 10.44
C THR A 135 -9.97 32.30 11.63
N ASP A 136 -10.18 33.51 12.15
CA ASP A 136 -9.48 33.92 13.37
C ASP A 136 -9.91 33.11 14.59
N GLU A 137 -11.05 32.41 14.51
CA GLU A 137 -11.56 31.64 15.63
C GLU A 137 -11.27 30.15 15.53
N ILE A 138 -11.18 29.62 14.31
CA ILE A 138 -11.04 28.20 14.07
C ILE A 138 -9.63 27.91 13.57
N ARG A 139 -8.86 27.18 14.37
CA ARG A 139 -7.48 26.84 14.03
C ARG A 139 -7.45 25.63 13.10
N VAL A 140 -6.88 25.81 11.91
CA VAL A 140 -6.83 24.77 10.88
C VAL A 140 -5.37 24.51 10.54
N SER A 141 -4.97 23.24 10.60
CA SER A 141 -3.62 22.82 10.25
C SER A 141 -3.62 22.20 8.86
N PHE A 142 -2.56 22.47 8.09
CA PHE A 142 -2.41 21.94 6.74
C PHE A 142 -1.25 20.96 6.70
N ILE A 143 -1.44 19.85 6.00
CA ILE A 143 -0.40 18.84 5.81
C ILE A 143 -0.46 18.37 4.36
N GLY A 144 0.61 18.61 3.61
CA GLY A 144 0.70 18.16 2.23
C GLY A 144 1.99 17.42 1.99
N VAL A 145 1.91 16.36 1.19
CA VAL A 145 3.08 15.54 0.85
C VAL A 145 3.19 15.46 -0.67
N PRO A 146 4.39 15.26 -1.21
CA PRO A 146 4.53 15.15 -2.66
C PRO A 146 4.17 13.76 -3.18
N ILE A 147 3.67 13.73 -4.40
CA ILE A 147 3.46 12.49 -5.15
C ILE A 147 4.57 12.40 -6.18
N ARG A 148 5.32 11.29 -6.15
CA ARG A 148 6.50 11.13 -6.98
C ARG A 148 6.36 9.91 -7.87
N ILE A 149 6.92 10.02 -9.08
CA ILE A 149 7.04 8.91 -10.02
C ILE A 149 8.45 8.96 -10.59
N ASP A 150 9.29 8.01 -10.18
CA ASP A 150 10.67 7.89 -10.67
C ASP A 150 11.45 9.19 -10.45
N SER A 151 11.48 9.62 -9.19
CA SER A 151 12.27 10.75 -8.71
C SER A 151 11.71 12.09 -9.18
N ARG A 152 10.66 12.07 -10.00
CA ARG A 152 9.98 13.28 -10.44
C ARG A 152 8.70 13.47 -9.65
N VAL A 153 8.44 14.72 -9.25
CA VAL A 153 7.21 15.05 -8.53
C VAL A 153 6.13 15.34 -9.55
N VAL A 154 5.03 14.59 -9.48
CA VAL A 154 3.93 14.71 -10.43
C VAL A 154 2.67 15.27 -9.79
N GLY A 155 2.71 15.61 -8.50
CA GLY A 155 1.54 16.17 -7.87
C GLY A 155 1.67 16.18 -6.36
N THR A 156 0.53 16.39 -5.70
CA THR A 156 0.49 16.52 -4.24
C THR A 156 -0.71 15.78 -3.68
N LEU A 157 -0.55 15.26 -2.47
CA LEU A 157 -1.65 14.78 -1.64
C LEU A 157 -1.68 15.64 -0.38
N SER A 158 -2.82 16.28 -0.13
CA SER A 158 -2.92 17.24 0.95
C SER A 158 -4.23 17.04 1.71
N ILE A 159 -4.18 17.32 3.01
CA ILE A 159 -5.35 17.30 3.89
C ILE A 159 -5.23 18.48 4.84
N ASP A 160 -6.28 18.67 5.65
CA ASP A 160 -6.24 19.60 6.76
C ASP A 160 -7.04 19.04 7.92
N ARG A 161 -6.79 19.57 9.11
CA ARG A 161 -7.50 19.18 10.31
C ARG A 161 -7.89 20.42 11.10
N VAL A 162 -9.07 20.38 11.70
CA VAL A 162 -9.54 21.46 12.57
C VAL A 162 -9.17 21.12 14.00
N ARG A 163 -8.41 22.00 14.65
CA ARG A 163 -7.96 21.76 16.01
C ARG A 163 -9.04 22.22 16.98
N ASP A 164 -9.80 21.26 17.48
CA ASP A 164 -10.78 21.47 18.53
C ASP A 164 -10.45 20.44 19.61
N GLY A 165 -11.40 20.20 20.53
CA GLY A 165 -11.23 19.10 21.44
C GLY A 165 -11.44 17.74 20.79
N ARG A 166 -10.76 17.52 19.65
CA ARG A 166 -10.71 16.22 18.99
C ARG A 166 -9.65 15.36 19.68
N SER A 167 -9.23 14.28 19.03
CA SER A 167 -8.09 13.53 19.54
C SER A 167 -6.83 14.37 19.34
N HIS A 168 -5.68 13.78 19.68
CA HIS A 168 -4.41 14.49 19.70
C HIS A 168 -3.55 14.17 18.49
N PHE A 169 -4.15 14.19 17.30
CA PHE A 169 -3.50 13.76 16.06
C PHE A 169 -2.14 14.41 15.87
N ARG A 170 -1.09 13.61 15.95
CA ARG A 170 0.26 14.11 15.77
C ARG A 170 0.51 14.38 14.29
N MET A 171 1.05 15.56 14.00
CA MET A 171 1.31 15.93 12.60
C MET A 171 2.37 15.04 11.97
N ASP A 172 3.33 14.55 12.75
CA ASP A 172 4.37 13.69 12.19
C ASP A 172 3.80 12.34 11.77
N ALA A 173 2.81 11.83 12.50
CA ALA A 173 2.16 10.59 12.10
C ALA A 173 1.38 10.77 10.81
N ASP A 174 0.66 11.90 10.67
CA ASP A 174 -0.05 12.19 9.42
C ASP A 174 0.93 12.26 8.25
N VAL A 175 2.07 12.92 8.43
CA VAL A 175 3.05 13.04 7.37
C VAL A 175 3.54 11.66 6.93
N ARG A 176 3.87 10.81 7.91
CA ARG A 176 4.27 9.44 7.60
C ARG A 176 3.18 8.71 6.83
N PHE A 177 1.96 8.70 7.37
CA PHE A 177 0.86 7.96 6.74
C PHE A 177 0.57 8.47 5.34
N LEU A 178 0.52 9.80 5.16
CA LEU A 178 0.24 10.35 3.84
C LEU A 178 1.38 10.09 2.87
N THR A 179 2.62 10.14 3.35
CA THR A 179 3.77 9.79 2.51
C THR A 179 3.65 8.36 1.99
N MET A 180 3.15 7.45 2.83
CA MET A 180 2.94 6.07 2.39
C MET A 180 1.84 6.01 1.34
N VAL A 181 0.73 6.70 1.58
CA VAL A 181 -0.37 6.72 0.61
C VAL A 181 0.08 7.36 -0.69
N ALA A 182 0.86 8.44 -0.61
CA ALA A 182 1.32 9.13 -1.82
C ALA A 182 2.21 8.22 -2.65
N ASN A 183 3.10 7.47 -2.01
CA ASN A 183 3.93 6.51 -2.74
C ASN A 183 3.09 5.54 -3.55
N LEU A 184 2.09 4.93 -2.89
CA LEU A 184 1.24 3.97 -3.58
C LEU A 184 0.42 4.64 -4.68
N ILE A 185 -0.08 5.85 -4.43
CA ILE A 185 -0.85 6.56 -5.45
C ILE A 185 0.02 6.84 -6.67
N GLY A 186 1.29 7.20 -6.46
CA GLY A 186 2.19 7.40 -7.57
C GLY A 186 2.32 6.17 -8.45
N GLN A 187 2.37 4.98 -7.82
CA GLN A 187 2.40 3.74 -8.59
C GLN A 187 1.09 3.55 -9.37
N THR A 188 -0.03 3.85 -8.73
CA THR A 188 -1.32 3.76 -9.43
C THR A 188 -1.38 4.73 -10.59
N VAL A 189 -0.82 5.93 -10.41
CA VAL A 189 -0.85 6.93 -11.48
C VAL A 189 0.08 6.52 -12.61
N LYS A 190 1.30 6.10 -12.29
CA LYS A 190 2.21 5.62 -13.32
C LYS A 190 1.60 4.47 -14.10
N LEU A 191 0.92 3.55 -13.41
CA LEU A 191 0.22 2.47 -14.07
C LEU A 191 -0.76 3.00 -15.11
N HIS A 192 -1.60 3.96 -14.73
CA HIS A 192 -2.58 4.52 -15.65
C HIS A 192 -1.91 5.28 -16.78
N ARG A 193 -0.85 6.03 -16.47
CA ARG A 193 -0.17 6.79 -17.51
C ARG A 193 0.56 5.88 -18.48
N VAL A 194 1.24 4.84 -17.98
CA VAL A 194 1.90 3.89 -18.86
C VAL A 194 0.88 3.22 -19.77
N VAL A 195 -0.27 2.83 -19.21
CA VAL A 195 -1.31 2.17 -19.99
C VAL A 195 -1.81 3.10 -21.11
N ALA A 196 -2.28 4.30 -20.74
CA ALA A 196 -2.88 5.20 -21.73
C ALA A 196 -1.89 5.54 -22.82
N ARG A 197 -0.63 5.66 -22.42
CA ARG A 197 0.40 6.17 -23.31
C ARG A 197 0.79 5.16 -24.37
N ASP A 198 0.59 3.86 -24.12
CA ASP A 198 0.63 2.86 -25.18
C ASP A 198 -0.75 2.70 -25.81
N PRO B 25 4.53 -2.67 20.25
CA PRO B 25 3.07 -2.76 20.20
C PRO B 25 2.58 -3.07 18.78
N LEU B 26 1.79 -4.15 18.67
CA LEU B 26 1.56 -4.85 17.40
C LEU B 26 1.36 -3.93 16.20
N SER B 27 0.37 -3.04 16.27
CA SER B 27 -0.01 -2.26 15.09
C SER B 27 1.05 -1.21 14.72
N ASP B 28 1.77 -0.67 15.71
CA ASP B 28 2.86 0.26 15.41
C ASP B 28 3.91 -0.41 14.54
N ILE B 29 4.32 -1.62 14.91
CA ILE B 29 5.34 -2.34 14.16
C ILE B 29 4.84 -2.62 12.74
N ALA B 30 3.61 -3.12 12.62
CA ALA B 30 3.05 -3.39 11.30
C ALA B 30 2.93 -2.13 10.47
N LEU B 31 2.54 -1.01 11.10
CA LEU B 31 2.44 0.25 10.38
C LEU B 31 3.79 0.67 9.81
N THR B 32 4.85 0.57 10.61
CA THR B 32 6.18 0.85 10.11
C THR B 32 6.56 -0.11 8.98
N GLY B 33 6.21 -1.38 9.12
CA GLY B 33 6.52 -2.35 8.08
C GLY B 33 5.87 -2.02 6.76
N ILE B 34 4.56 -1.76 6.78
CA ILE B 34 3.86 -1.44 5.53
C ILE B 34 4.34 -0.11 4.97
N PHE B 35 4.70 0.84 5.84
CA PHE B 35 5.31 2.09 5.38
C PHE B 35 6.60 1.80 4.60
N GLU B 36 7.48 0.98 5.18
CA GLU B 36 8.73 0.64 4.50
C GLU B 36 8.48 -0.16 3.24
N ILE B 37 7.52 -1.11 3.30
CA ILE B 37 7.17 -1.89 2.12
C ILE B 37 6.72 -0.99 0.98
N SER B 38 5.98 0.07 1.31
CA SER B 38 5.47 0.98 0.27
C SER B 38 6.61 1.70 -0.44
N LYS B 39 7.66 2.08 0.30
CA LYS B 39 8.79 2.74 -0.34
C LYS B 39 9.60 1.76 -1.18
N ILE B 40 9.72 0.51 -0.72
CA ILE B 40 10.41 -0.51 -1.51
C ILE B 40 9.69 -0.73 -2.83
N LEU B 41 8.35 -0.85 -2.78
CA LEU B 41 7.59 -1.18 -3.98
C LEU B 41 7.63 -0.06 -5.00
N THR B 42 7.85 1.18 -4.57
CA THR B 42 7.81 2.33 -5.47
C THR B 42 9.20 2.84 -5.82
N SER B 43 10.25 2.13 -5.42
CA SER B 43 11.62 2.50 -5.77
C SER B 43 12.04 1.77 -7.04
N PRO B 44 12.56 2.46 -8.04
CA PRO B 44 12.88 1.81 -9.32
C PRO B 44 13.96 0.76 -9.15
N ALA B 45 13.68 -0.44 -9.64
CA ALA B 45 14.60 -1.57 -9.51
C ALA B 45 14.10 -2.72 -10.37
N ARG B 46 14.96 -3.74 -10.50
CA ARG B 46 14.53 -5.02 -11.02
C ARG B 46 13.33 -5.53 -10.24
N LEU B 47 12.35 -6.09 -10.95
CA LEU B 47 11.18 -6.67 -10.29
C LEU B 47 11.59 -7.67 -9.21
N GLU B 48 12.52 -8.57 -9.54
CA GLU B 48 12.97 -9.57 -8.58
C GLU B 48 13.64 -8.92 -7.37
N ILE B 49 14.41 -7.85 -7.60
CA ILE B 49 15.05 -7.15 -6.51
C ILE B 49 14.01 -6.54 -5.57
N THR B 50 12.92 -6.02 -6.14
CA THR B 50 11.86 -5.45 -5.33
C THR B 50 11.20 -6.50 -4.45
N LEU B 51 10.81 -7.63 -5.04
CA LEU B 51 10.09 -8.65 -4.29
C LEU B 51 10.99 -9.28 -3.23
N ALA B 52 12.28 -9.43 -3.51
CA ALA B 52 13.19 -10.00 -2.52
C ALA B 52 13.38 -9.06 -1.34
N ASN B 53 13.42 -7.74 -1.60
CA ASN B 53 13.52 -6.78 -0.51
C ASN B 53 12.27 -6.77 0.35
N VAL B 54 11.10 -7.00 -0.25
CA VAL B 54 9.86 -7.06 0.52
C VAL B 54 9.88 -8.24 1.48
N VAL B 55 10.15 -9.44 0.97
CA VAL B 55 10.13 -10.63 1.82
C VAL B 55 11.30 -10.61 2.80
N ASN B 56 12.43 -10.01 2.42
CA ASN B 56 13.51 -9.83 3.38
C ASN B 56 13.07 -8.98 4.57
N LEU B 57 12.32 -7.92 4.30
CA LEU B 57 11.78 -7.08 5.36
C LEU B 57 10.75 -7.84 6.19
N LEU B 58 9.83 -8.53 5.52
CA LEU B 58 8.80 -9.30 6.21
C LEU B 58 9.42 -10.24 7.24
N GLN B 59 10.56 -10.85 6.90
CA GLN B 59 11.20 -11.79 7.80
C GLN B 59 11.99 -11.09 8.89
N SER B 60 12.92 -10.21 8.50
CA SER B 60 13.83 -9.61 9.47
C SER B 60 13.10 -8.65 10.40
N PHE B 61 12.11 -7.93 9.89
CA PHE B 61 11.43 -6.90 10.68
C PHE B 61 10.14 -7.39 11.34
N LEU B 62 9.31 -8.14 10.63
CA LEU B 62 8.00 -8.51 11.11
C LEU B 62 7.91 -9.97 11.56
N GLN B 63 9.00 -10.73 11.45
CA GLN B 63 9.05 -12.14 11.86
C GLN B 63 7.98 -12.96 11.14
N MET B 64 7.73 -12.62 9.88
CA MET B 64 6.92 -13.44 8.97
C MET B 64 7.92 -14.09 8.03
N ARG B 65 8.33 -15.31 8.37
CA ARG B 65 9.57 -15.88 7.84
C ARG B 65 9.32 -16.70 6.58
N ASN B 66 10.42 -16.94 5.86
CA ASN B 66 10.44 -17.85 4.70
C ASN B 66 9.46 -17.41 3.63
N GLY B 67 9.34 -16.09 3.45
CA GLY B 67 8.38 -15.56 2.48
C GLY B 67 8.82 -15.83 1.06
N VAL B 68 7.85 -16.22 0.22
CA VAL B 68 8.06 -16.50 -1.18
C VAL B 68 7.01 -15.78 -2.01
N VAL B 69 7.44 -15.15 -3.10
CA VAL B 69 6.55 -14.60 -4.11
C VAL B 69 6.67 -15.47 -5.35
N SER B 70 5.53 -16.04 -5.79
CA SER B 70 5.48 -16.87 -6.98
C SER B 70 4.43 -16.29 -7.91
N LEU B 71 4.85 -15.92 -9.12
CA LEU B 71 3.98 -15.27 -10.10
C LEU B 71 3.79 -16.18 -11.29
N LEU B 72 2.54 -16.41 -11.69
CA LEU B 72 2.27 -17.28 -12.83
C LEU B 72 2.13 -16.47 -14.10
N ALA B 73 2.71 -16.97 -15.19
CA ALA B 73 2.35 -16.43 -16.49
C ALA B 73 0.94 -16.88 -16.84
N ASP B 74 0.40 -16.28 -17.90
CA ASP B 74 -1.02 -16.47 -18.22
C ASP B 74 -1.34 -17.93 -18.54
N ASP B 75 -0.38 -18.69 -19.06
CA ASP B 75 -0.57 -20.12 -19.26
C ASP B 75 -0.30 -20.94 -18.00
N GLY B 76 -0.18 -20.30 -16.84
CA GLY B 76 0.17 -21.02 -15.63
C GLY B 76 1.64 -21.28 -15.43
N VAL B 77 2.50 -20.65 -16.22
CA VAL B 77 3.95 -20.83 -16.12
C VAL B 77 4.43 -20.28 -14.77
N PRO B 78 5.50 -20.83 -14.18
CA PRO B 78 6.00 -20.24 -12.93
C PRO B 78 6.64 -18.88 -13.09
N ASP B 79 7.35 -18.65 -14.20
CA ASP B 79 7.71 -17.36 -14.79
C ASP B 79 8.61 -16.47 -13.93
N ILE B 80 8.46 -16.53 -12.61
CA ILE B 80 9.31 -15.84 -11.64
C ILE B 80 8.96 -16.38 -10.26
N THR B 81 9.97 -16.74 -9.48
CA THR B 81 9.77 -17.13 -8.09
C THR B 81 10.93 -16.58 -7.28
N VAL B 82 10.62 -15.83 -6.22
CA VAL B 82 11.67 -15.12 -5.50
C VAL B 82 11.34 -15.11 -4.01
N GLY B 83 12.26 -15.61 -3.20
CA GLY B 83 12.07 -15.65 -1.76
C GLY B 83 13.17 -14.96 -0.99
N VAL B 84 13.19 -15.17 0.33
CA VAL B 84 14.17 -14.52 1.19
C VAL B 84 15.57 -14.82 0.71
N GLY B 85 16.37 -13.78 0.52
CA GLY B 85 17.76 -13.94 0.11
C GLY B 85 17.96 -14.35 -1.34
N TRP B 86 17.05 -13.94 -2.22
CA TRP B 86 17.11 -14.34 -3.62
C TRP B 86 18.38 -13.83 -4.28
N ASN B 87 19.04 -14.72 -5.03
CA ASN B 87 20.15 -14.38 -5.89
C ASN B 87 19.79 -14.72 -7.34
N GLU B 88 20.46 -14.05 -8.28
CA GLU B 88 20.14 -14.19 -9.69
C GLU B 88 20.18 -15.65 -10.14
N GLY B 89 19.03 -16.15 -10.58
CA GLY B 89 18.92 -17.50 -11.11
C GLY B 89 18.35 -18.53 -10.15
N SER B 90 18.15 -18.17 -8.89
CA SER B 90 17.78 -19.12 -7.84
C SER B 90 16.28 -19.41 -7.77
N ASP B 91 15.52 -19.06 -8.81
CA ASP B 91 14.06 -19.17 -8.74
C ASP B 91 13.61 -20.59 -8.42
N ASN B 92 14.12 -21.57 -9.16
CA ASN B 92 13.61 -22.94 -9.04
C ASN B 92 13.80 -23.51 -7.64
N ARG B 93 14.76 -23.00 -6.87
CA ARG B 93 14.98 -23.50 -5.52
C ARG B 93 13.86 -23.06 -4.58
N TYR B 94 13.37 -21.83 -4.75
CA TYR B 94 12.26 -21.36 -3.92
C TYR B 94 10.96 -22.07 -4.28
N ARG B 95 10.73 -22.30 -5.58
CA ARG B 95 9.51 -22.99 -5.99
C ARG B 95 9.47 -24.42 -5.49
N ALA B 96 10.63 -25.07 -5.36
CA ALA B 96 10.68 -26.42 -4.81
C ALA B 96 10.12 -26.47 -3.39
N ARG B 97 10.15 -25.36 -2.67
CA ARG B 97 9.64 -25.29 -1.31
C ARG B 97 8.11 -25.23 -1.26
N LEU B 98 7.46 -24.80 -2.33
CA LEU B 98 6.03 -24.50 -2.27
C LEU B 98 5.19 -25.75 -2.53
N PRO B 99 4.13 -25.95 -1.77
CA PRO B 99 3.19 -27.04 -2.03
C PRO B 99 2.26 -26.68 -3.19
N GLN B 100 2.49 -27.29 -4.34
CA GLN B 100 1.85 -26.84 -5.57
C GLN B 100 0.33 -26.97 -5.50
N LYS B 101 -0.17 -28.05 -4.89
CA LYS B 101 -1.61 -28.22 -4.76
C LYS B 101 -2.23 -27.05 -4.01
N ALA B 102 -1.60 -26.62 -2.91
CA ALA B 102 -2.10 -25.47 -2.16
C ALA B 102 -2.07 -24.20 -2.99
N ILE B 103 -1.02 -24.03 -3.80
CA ILE B 103 -0.95 -22.89 -4.71
C ILE B 103 -2.09 -22.97 -5.72
N ASP B 104 -2.30 -24.16 -6.30
CA ASP B 104 -3.44 -24.37 -7.18
C ASP B 104 -4.74 -23.96 -6.52
N GLN B 105 -4.91 -24.33 -5.25
CA GLN B 105 -6.12 -23.98 -4.51
C GLN B 105 -6.27 -22.46 -4.42
N ILE B 106 -5.22 -21.76 -3.98
CA ILE B 106 -5.30 -20.32 -3.77
C ILE B 106 -5.61 -19.60 -5.07
N VAL B 107 -4.98 -20.01 -6.17
CA VAL B 107 -5.18 -19.34 -7.44
C VAL B 107 -6.62 -19.47 -7.90
N ALA B 108 -7.14 -20.70 -7.90
CA ALA B 108 -8.51 -20.92 -8.34
C ALA B 108 -9.53 -20.29 -7.39
N THR B 109 -9.20 -20.19 -6.11
CA THR B 109 -10.16 -19.76 -5.10
C THR B 109 -10.06 -18.28 -4.73
N ALA B 110 -8.91 -17.65 -4.97
CA ALA B 110 -8.69 -16.24 -4.62
C ALA B 110 -9.00 -15.98 -3.15
N VAL B 111 -8.59 -16.90 -2.29
CA VAL B 111 -8.89 -16.84 -0.87
C VAL B 111 -7.67 -17.36 -0.11
N PRO B 112 -7.31 -16.76 1.03
CA PRO B 112 -6.13 -17.23 1.77
C PRO B 112 -6.27 -18.69 2.19
N LEU B 113 -5.14 -19.40 2.13
CA LEU B 113 -5.04 -20.77 2.64
C LEU B 113 -4.18 -20.75 3.89
N VAL B 114 -4.79 -21.09 5.03
CA VAL B 114 -4.09 -21.18 6.30
C VAL B 114 -3.96 -22.66 6.64
N ALA B 115 -2.72 -23.17 6.57
CA ALA B 115 -2.43 -24.55 6.96
C ALA B 115 -1.74 -24.49 8.31
N ASP B 116 -2.55 -24.51 9.38
CA ASP B 116 -2.02 -24.46 10.74
C ASP B 116 -1.03 -25.58 11.01
N ASN B 117 -1.25 -26.75 10.43
CA ASN B 117 -0.39 -27.92 10.62
C ASN B 117 -0.31 -28.62 9.27
N VAL B 118 0.82 -28.46 8.57
CA VAL B 118 0.92 -28.97 7.21
C VAL B 118 0.97 -30.49 7.16
N SER B 119 1.36 -31.16 8.24
CA SER B 119 1.34 -32.61 8.26
C SER B 119 -0.07 -33.17 8.33
N ALA B 120 -1.03 -32.38 8.81
CA ALA B 120 -2.41 -32.81 8.92
C ALA B 120 -3.35 -32.07 7.96
N HIS B 121 -2.84 -31.12 7.18
CA HIS B 121 -3.71 -30.42 6.25
C HIS B 121 -3.95 -31.26 5.01
N PRO B 122 -5.21 -31.35 4.55
CA PRO B 122 -5.52 -32.26 3.44
C PRO B 122 -4.93 -31.85 2.10
N MET B 123 -4.54 -30.59 1.93
CA MET B 123 -3.95 -30.13 0.67
C MET B 123 -2.44 -30.31 0.62
N PHE B 124 -1.86 -31.07 1.56
CA PHE B 124 -0.41 -31.24 1.66
C PHE B 124 -0.09 -32.73 1.67
N THR B 125 0.73 -33.17 0.71
CA THR B 125 1.29 -34.51 0.80
C THR B 125 2.31 -34.57 1.94
N ALA B 126 2.72 -35.79 2.28
CA ALA B 126 3.83 -35.96 3.19
C ALA B 126 5.10 -35.33 2.64
N ALA B 127 5.32 -35.46 1.33
CA ALA B 127 6.46 -34.81 0.69
C ALA B 127 6.35 -33.29 0.79
N ASP B 128 5.15 -32.75 0.56
CA ASP B 128 4.94 -31.31 0.71
C ASP B 128 5.25 -30.85 2.11
N ALA B 129 4.82 -31.63 3.12
CA ALA B 129 5.05 -31.23 4.50
C ALA B 129 6.53 -31.28 4.86
N MET B 130 7.21 -32.36 4.47
CA MET B 130 8.63 -32.49 4.80
C MET B 130 9.46 -31.41 4.14
N ALA B 131 9.08 -31.00 2.92
CA ALA B 131 9.84 -29.97 2.22
C ALA B 131 9.81 -28.64 2.96
N LEU B 132 8.76 -28.41 3.76
CA LEU B 132 8.67 -27.22 4.60
C LEU B 132 9.34 -27.42 5.95
N GLY B 133 10.02 -28.55 6.16
CA GLY B 133 10.71 -28.81 7.40
C GLY B 133 9.92 -29.61 8.42
N ALA B 134 8.71 -30.05 8.09
CA ALA B 134 7.91 -30.81 9.03
C ALA B 134 8.52 -32.19 9.26
N THR B 135 8.54 -32.61 10.52
CA THR B 135 8.94 -33.96 10.89
C THR B 135 7.89 -34.54 11.82
N ASP B 136 8.17 -35.70 12.42
CA ASP B 136 7.23 -36.27 13.37
C ASP B 136 7.28 -35.55 14.71
N GLU B 137 8.33 -34.78 14.99
CA GLU B 137 8.39 -33.90 16.15
C GLU B 137 8.13 -32.45 15.77
N ILE B 138 8.86 -31.93 14.79
CA ILE B 138 8.73 -30.53 14.38
C ILE B 138 7.47 -30.37 13.54
N ARG B 139 6.74 -29.29 13.77
CA ARG B 139 5.62 -28.97 12.89
C ARG B 139 5.55 -27.53 12.46
N VAL B 140 4.93 -27.39 11.30
CA VAL B 140 5.10 -26.24 10.43
C VAL B 140 3.73 -25.72 10.06
N SER B 141 3.56 -24.40 10.16
CA SER B 141 2.37 -23.71 9.70
C SER B 141 2.66 -23.02 8.39
N PHE B 142 1.67 -22.97 7.51
CA PHE B 142 1.81 -22.35 6.20
C PHE B 142 0.63 -21.42 5.97
N ILE B 143 0.91 -20.21 5.49
CA ILE B 143 -0.11 -19.23 5.15
C ILE B 143 0.17 -18.73 3.75
N GLY B 144 -0.79 -18.92 2.85
CA GLY B 144 -0.66 -18.46 1.49
C GLY B 144 -1.78 -17.49 1.14
N VAL B 145 -1.47 -16.54 0.25
CA VAL B 145 -2.37 -15.43 -0.03
C VAL B 145 -2.36 -15.13 -1.53
N PRO B 146 -3.51 -14.83 -2.13
CA PRO B 146 -3.54 -14.56 -3.58
C PRO B 146 -2.99 -13.18 -3.92
N ILE B 147 -2.25 -13.14 -5.03
CA ILE B 147 -1.81 -11.88 -5.63
C ILE B 147 -2.68 -11.66 -6.86
N ARG B 148 -3.57 -10.68 -6.80
CA ARG B 148 -4.56 -10.45 -7.83
C ARG B 148 -4.15 -9.29 -8.74
N ILE B 149 -4.52 -9.41 -10.01
CA ILE B 149 -4.34 -8.35 -11.01
C ILE B 149 -5.58 -8.38 -11.90
N ASP B 150 -6.43 -7.35 -11.79
CA ASP B 150 -7.64 -7.22 -12.60
C ASP B 150 -8.58 -8.41 -12.39
N SER B 151 -8.93 -8.63 -11.12
CA SER B 151 -9.86 -9.67 -10.71
C SER B 151 -9.35 -11.07 -10.99
N ARG B 152 -8.05 -11.23 -11.22
CA ARG B 152 -7.46 -12.51 -11.56
C ARG B 152 -6.21 -12.74 -10.73
N VAL B 153 -6.08 -13.95 -10.18
CA VAL B 153 -4.93 -14.28 -9.34
C VAL B 153 -3.77 -14.68 -10.25
N VAL B 154 -2.71 -13.87 -10.26
CA VAL B 154 -1.53 -14.14 -11.07
C VAL B 154 -0.41 -14.77 -10.27
N GLY B 155 -0.59 -14.95 -8.96
CA GLY B 155 0.48 -15.48 -8.15
C GLY B 155 0.07 -15.61 -6.70
N THR B 156 1.04 -15.99 -5.87
CA THR B 156 0.81 -16.17 -4.45
C THR B 156 1.93 -15.53 -3.65
N LEU B 157 1.60 -15.12 -2.43
CA LEU B 157 2.57 -14.72 -1.42
C LEU B 157 2.35 -15.59 -0.19
N SER B 158 3.42 -16.24 0.28
CA SER B 158 3.28 -17.22 1.35
C SER B 158 4.41 -17.08 2.35
N ILE B 159 4.13 -17.47 3.59
CA ILE B 159 5.12 -17.55 4.66
C ILE B 159 4.91 -18.88 5.38
N ASP B 160 5.95 -19.32 6.09
CA ASP B 160 5.84 -20.52 6.90
C ASP B 160 6.81 -20.44 8.08
N ARG B 161 6.57 -21.29 9.07
CA ARG B 161 7.28 -21.24 10.34
C ARG B 161 6.96 -22.51 11.11
N VAL B 162 7.76 -22.76 12.16
CA VAL B 162 7.37 -23.76 13.14
C VAL B 162 6.08 -23.32 13.79
N ARG B 163 5.13 -24.25 13.91
CA ARG B 163 3.83 -23.91 14.46
C ARG B 163 3.95 -23.39 15.89
N ASP B 164 3.22 -22.32 16.20
CA ASP B 164 3.06 -21.85 17.56
C ASP B 164 1.56 -21.76 17.87
N GLY B 165 1.25 -21.33 19.08
CA GLY B 165 -0.13 -21.25 19.51
C GLY B 165 -0.72 -19.85 19.45
N ARG B 166 -0.43 -19.13 18.36
CA ARG B 166 -1.02 -17.81 18.13
C ARG B 166 -2.52 -17.84 18.37
N SER B 167 -3.03 -16.74 18.91
CA SER B 167 -4.48 -16.56 18.93
C SER B 167 -5.03 -16.56 17.51
N HIS B 168 -6.30 -16.97 17.39
CA HIS B 168 -6.98 -16.82 16.10
C HIS B 168 -7.05 -15.35 15.70
N PHE B 169 -7.03 -14.45 16.69
CA PHE B 169 -7.06 -13.02 16.40
C PHE B 169 -5.84 -12.58 15.62
N ARG B 170 -4.64 -12.95 16.08
CA ARG B 170 -3.43 -12.53 15.36
C ARG B 170 -3.22 -13.34 14.09
N MET B 171 -3.66 -14.59 14.06
CA MET B 171 -3.66 -15.34 12.81
C MET B 171 -4.44 -14.59 11.74
N ASP B 172 -5.64 -14.11 12.08
CA ASP B 172 -6.40 -13.29 11.14
C ASP B 172 -5.66 -12.00 10.82
N ALA B 173 -5.04 -11.39 11.83
CA ALA B 173 -4.31 -10.13 11.59
C ALA B 173 -3.12 -10.35 10.66
N ASP B 174 -2.42 -11.47 10.80
CA ASP B 174 -1.34 -11.78 9.87
C ASP B 174 -1.88 -12.02 8.47
N VAL B 175 -3.02 -12.70 8.37
CA VAL B 175 -3.64 -12.93 7.06
C VAL B 175 -4.07 -11.61 6.44
N ARG B 176 -4.64 -10.72 7.25
CA ARG B 176 -5.02 -9.39 6.76
C ARG B 176 -3.81 -8.61 6.28
N PHE B 177 -2.68 -8.75 6.97
CA PHE B 177 -1.48 -8.02 6.61
C PHE B 177 -0.89 -8.51 5.28
N LEU B 178 -0.77 -9.84 5.13
CA LEU B 178 -0.21 -10.38 3.89
C LEU B 178 -1.12 -10.14 2.70
N THR B 179 -2.44 -10.19 2.92
CA THR B 179 -3.38 -9.81 1.87
C THR B 179 -3.10 -8.39 1.38
N MET B 180 -2.87 -7.46 2.31
CA MET B 180 -2.56 -6.08 1.94
C MET B 180 -1.27 -6.01 1.12
N VAL B 181 -0.22 -6.67 1.60
CA VAL B 181 1.06 -6.66 0.89
C VAL B 181 0.91 -7.28 -0.50
N ALA B 182 0.15 -8.36 -0.61
CA ALA B 182 -0.05 -9.00 -1.90
C ALA B 182 -0.83 -8.10 -2.85
N ASN B 183 -1.85 -7.40 -2.34
CA ASN B 183 -2.58 -6.44 -3.16
C ASN B 183 -1.63 -5.42 -3.79
N LEU B 184 -0.69 -4.90 -2.98
CA LEU B 184 0.23 -3.89 -3.49
C LEU B 184 1.26 -4.51 -4.42
N ILE B 185 1.72 -5.73 -4.12
CA ILE B 185 2.62 -6.42 -5.03
C ILE B 185 1.98 -6.60 -6.41
N GLY B 186 0.70 -6.96 -6.43
CA GLY B 186 0.00 -7.10 -7.70
C GLY B 186 0.03 -5.83 -8.53
N GLN B 187 -0.20 -4.68 -7.90
CA GLN B 187 -0.10 -3.40 -8.60
C GLN B 187 1.31 -3.20 -9.15
N THR B 188 2.33 -3.53 -8.35
CA THR B 188 3.71 -3.41 -8.81
C THR B 188 4.00 -4.35 -9.97
N VAL B 189 3.47 -5.58 -9.91
CA VAL B 189 3.73 -6.55 -10.96
C VAL B 189 3.04 -6.15 -12.26
N LYS B 190 1.79 -5.70 -12.16
CA LYS B 190 1.08 -5.22 -13.35
C LYS B 190 1.84 -4.08 -14.03
N LEU B 191 2.39 -3.17 -13.23
CA LEU B 191 3.19 -2.08 -13.77
C LEU B 191 4.39 -2.60 -14.57
N HIS B 192 5.08 -3.60 -14.03
CA HIS B 192 6.24 -4.15 -14.73
C HIS B 192 5.85 -4.84 -16.03
N ARG B 193 4.67 -5.48 -16.07
CA ARG B 193 4.25 -6.22 -17.24
C ARG B 193 3.74 -5.34 -18.37
N VAL B 194 3.46 -4.07 -18.11
CA VAL B 194 2.95 -3.16 -19.13
C VAL B 194 4.07 -2.27 -19.67
#